data_4DEF
#
_entry.id   4DEF
#
_cell.length_a   60.655
_cell.length_b   119.708
_cell.length_c   164.826
_cell.angle_alpha   90.000
_cell.angle_beta   90.000
_cell.angle_gamma   90.000
#
_symmetry.space_group_name_H-M   'I 2 2 2'
#
loop_
_entity.id
_entity.type
_entity.pdbx_description
1 polymer 'Fructose-bisphosphate aldolase'
2 non-polymer 'ZINC ION'
3 non-polymer 'SODIUM ION'
4 non-polymer 'ACETATE ION'
5 water water
#
_entity_poly.entity_id   1
_entity_poly.type   'polypeptide(L)'
_entity_poly.pdbx_seq_one_letter_code
;MPIATPEVYAEMLGQAKQNSYAFPAINCTSSETVNAAIKGFADAGSDGIIQFSTGGAEFGSGLGVKDMVTGAVALAEFTH
VIAAKYPVNVALHTDHCPKDKLDSYVRPLLAISAQRVSKGGNPLFQSHMWDGSAVPIDENLAIAQELLKAAAAAKIILEI
EIGVVGGEEDGVANEINEKLYTSPEDFEKTIEALGAGEHGKYLLAATFGNVHGVYKPGNVKLRPDILAQGQQVAAAKLGL
PADAKPFDFVFHGGSGSLKSEIEEALRYGVVKMNVDTDTQYAFTRPIAGHMFTNYDGVLKVDGEVGVKKVYDPRSYLKKA
EASMSQRVVQACNDLHCAGKSLTHHHHHH
;
_entity_poly.pdbx_strand_id   A
#
# COMPACT_ATOMS: atom_id res chain seq x y z
N PRO A 2 -15.80 5.36 4.12
CA PRO A 2 -15.90 5.65 2.69
C PRO A 2 -14.55 5.52 2.01
N ILE A 3 -14.55 5.51 0.68
CA ILE A 3 -13.31 5.68 -0.06
C ILE A 3 -12.79 7.09 0.27
N ALA A 4 -11.48 7.21 0.46
CA ALA A 4 -10.85 8.52 0.67
C ALA A 4 -10.99 9.39 -0.57
N THR A 5 -11.57 10.58 -0.41
CA THR A 5 -11.52 11.56 -1.48
C THR A 5 -10.07 12.05 -1.60
N PRO A 6 -9.72 12.68 -2.73
CA PRO A 6 -8.35 13.19 -2.83
C PRO A 6 -8.02 14.16 -1.70
N GLU A 7 -9.01 14.97 -1.31
CA GLU A 7 -8.84 15.94 -0.24
C GLU A 7 -8.58 15.25 1.10
N VAL A 8 -9.53 14.25 1.33
N VAL A 8 -9.37 14.22 1.39
CA VAL A 8 -9.26 13.57 2.60
CA VAL A 8 -9.20 13.44 2.61
C VAL A 8 -7.97 12.77 2.62
C VAL A 8 -7.86 12.71 2.63
N TYR A 9 -7.48 12.13 1.50
CA TYR A 9 -6.21 11.39 1.43
C TYR A 9 -5.01 12.30 1.70
N ALA A 10 -4.99 13.47 1.07
CA ALA A 10 -3.94 14.45 1.31
C ALA A 10 -3.90 14.84 2.80
N GLU A 11 -5.08 15.03 3.38
CA GLU A 11 -5.18 15.33 4.81
C GLU A 11 -4.69 14.18 5.68
N MET A 12 -5.04 12.94 5.31
CA MET A 12 -4.51 11.77 6.02
C MET A 12 -2.98 11.80 6.09
N LEU A 13 -2.35 11.96 4.93
CA LEU A 13 -0.90 11.91 4.87
C LEU A 13 -0.23 13.08 5.58
N GLY A 14 -0.85 14.26 5.49
CA GLY A 14 -0.35 15.45 6.14
C GLY A 14 -0.42 15.32 7.65
N GLN A 15 -1.55 14.79 8.14
CA GLN A 15 -1.70 14.52 9.57
C GLN A 15 -0.73 13.47 10.10
N ALA A 16 -0.57 12.38 9.34
CA ALA A 16 0.41 11.35 9.69
C ALA A 16 1.81 11.95 9.86
N LYS A 17 2.21 12.76 8.87
CA LYS A 17 3.54 13.38 8.88
C LYS A 17 3.70 14.33 10.06
N GLN A 18 2.70 15.18 10.24
CA GLN A 18 2.67 16.16 11.33
C GLN A 18 2.79 15.52 12.70
N ASN A 19 2.23 14.31 12.85
CA ASN A 19 2.13 13.64 14.14
C ASN A 19 3.02 12.39 14.28
N SER A 20 3.90 12.19 13.30
CA SER A 20 4.86 11.08 13.28
C SER A 20 4.23 9.69 13.39
N TYR A 21 3.13 9.48 12.68
CA TYR A 21 2.60 8.14 12.49
C TYR A 21 2.50 7.80 11.02
N ALA A 22 2.14 6.56 10.72
CA ALA A 22 2.04 6.09 9.35
C ALA A 22 0.82 5.18 9.18
N PHE A 23 0.41 4.99 7.93
CA PHE A 23 -0.67 4.05 7.60
C PHE A 23 -0.07 2.78 7.02
N PRO A 24 -0.64 1.62 7.39
CA PRO A 24 -0.29 0.43 6.66
C PRO A 24 -0.92 0.49 5.28
N ALA A 25 -0.18 0.03 4.27
CA ALA A 25 -0.73 -0.10 2.95
C ALA A 25 -0.73 -1.60 2.67
N ILE A 26 -1.93 -2.18 2.64
CA ILE A 26 -2.07 -3.64 2.62
C ILE A 26 -2.23 -4.13 1.19
N ASN A 27 -1.34 -5.01 0.75
CA ASN A 27 -1.54 -5.62 -0.56
C ASN A 27 -2.72 -6.58 -0.55
N CYS A 28 -3.66 -6.33 -1.45
CA CYS A 28 -4.83 -7.19 -1.60
C CYS A 28 -4.92 -7.73 -3.02
N THR A 29 -5.65 -8.85 -3.17
CA THR A 29 -5.69 -9.57 -4.44
C THR A 29 -7.11 -10.05 -4.77
N SER A 30 -8.09 -9.74 -3.92
CA SER A 30 -9.38 -10.40 -4.01
C SER A 30 -10.40 -9.70 -3.16
N SER A 31 -11.65 -10.07 -3.37
CA SER A 31 -12.74 -9.59 -2.53
C SER A 31 -12.50 -9.92 -1.05
N GLU A 32 -12.05 -11.15 -0.77
CA GLU A 32 -11.78 -11.55 0.62
C GLU A 32 -10.69 -10.72 1.29
N THR A 33 -9.59 -10.50 0.58
CA THR A 33 -8.45 -9.77 1.16
C THR A 33 -8.81 -8.27 1.33
N VAL A 34 -9.51 -7.69 0.34
CA VAL A 34 -10.01 -6.31 0.48
C VAL A 34 -10.91 -6.23 1.72
N ASN A 35 -11.86 -7.16 1.82
CA ASN A 35 -12.76 -7.16 2.99
C ASN A 35 -12.03 -7.27 4.32
N ALA A 36 -11.02 -8.16 4.38
CA ALA A 36 -10.19 -8.33 5.59
C ALA A 36 -9.44 -7.05 5.94
N ALA A 37 -8.88 -6.38 4.94
CA ALA A 37 -8.14 -5.17 5.18
C ALA A 37 -9.00 -4.05 5.70
N ILE A 38 -10.16 -3.84 5.09
CA ILE A 38 -11.02 -2.71 5.51
C ILE A 38 -11.57 -3.00 6.92
N LYS A 39 -11.97 -4.23 7.16
CA LYS A 39 -12.41 -4.61 8.50
C LYS A 39 -11.31 -4.38 9.55
N GLY A 40 -10.05 -4.66 9.19
CA GLY A 40 -8.91 -4.41 10.07
C GLY A 40 -8.78 -2.93 10.40
N PHE A 41 -8.85 -2.08 9.37
CA PHE A 41 -8.76 -0.63 9.60
C PHE A 41 -9.89 -0.20 10.52
N ALA A 42 -11.10 -0.67 10.24
CA ALA A 42 -12.28 -0.26 11.00
C ALA A 42 -12.18 -0.72 12.46
N ASP A 43 -11.72 -1.95 12.67
CA ASP A 43 -11.54 -2.48 14.04
C ASP A 43 -10.50 -1.69 14.82
N ALA A 44 -9.50 -1.14 14.13
CA ALA A 44 -8.48 -0.32 14.77
C ALA A 44 -8.85 1.16 14.83
N GLY A 45 -10.04 1.53 14.37
CA GLY A 45 -10.46 2.96 14.31
C GLY A 45 -9.50 3.79 13.50
N SER A 46 -9.04 3.22 12.40
CA SER A 46 -7.95 3.81 11.63
C SER A 46 -8.36 3.99 10.17
N ASP A 47 -7.79 5.00 9.53
CA ASP A 47 -7.83 5.10 8.07
C ASP A 47 -6.77 4.16 7.54
N GLY A 48 -6.82 3.83 6.25
CA GLY A 48 -5.83 2.91 5.74
C GLY A 48 -5.76 2.94 4.25
N ILE A 49 -4.75 2.22 3.72
CA ILE A 49 -4.53 2.15 2.29
C ILE A 49 -4.60 0.68 1.82
N ILE A 50 -5.31 0.46 0.71
N ILE A 50 -5.36 0.47 0.74
CA ILE A 50 -5.33 -0.85 0.05
CA ILE A 50 -5.40 -0.79 0.01
C ILE A 50 -4.65 -0.73 -1.31
C ILE A 50 -4.49 -0.59 -1.21
N GLN A 51 -3.65 -1.57 -1.53
CA GLN A 51 -2.87 -1.49 -2.76
C GLN A 51 -2.89 -2.77 -3.57
N PHE A 52 -2.86 -2.60 -4.89
CA PHE A 52 -2.79 -3.74 -5.81
C PHE A 52 -1.47 -3.68 -6.56
N SER A 53 -0.70 -4.75 -6.47
CA SER A 53 0.53 -4.90 -7.25
C SER A 53 0.19 -5.30 -8.68
N THR A 54 1.19 -5.27 -9.56
CA THR A 54 1.01 -5.75 -10.93
C THR A 54 0.51 -7.20 -10.94
N GLY A 55 1.14 -8.05 -10.12
CA GLY A 55 0.78 -9.47 -10.02
C GLY A 55 -0.57 -9.68 -9.36
N GLY A 56 -0.84 -8.88 -8.33
CA GLY A 56 -2.17 -8.89 -7.66
C GLY A 56 -3.29 -8.51 -8.61
N ALA A 57 -3.07 -7.47 -9.43
CA ALA A 57 -4.03 -7.03 -10.43
C ALA A 57 -4.25 -8.11 -11.50
N GLU A 58 -3.16 -8.70 -11.98
CA GLU A 58 -3.27 -9.78 -12.94
C GLU A 58 -4.10 -10.94 -12.36
N PHE A 59 -3.79 -11.32 -11.12
CA PHE A 59 -4.55 -12.37 -10.41
C PHE A 59 -6.03 -11.98 -10.25
N GLY A 60 -6.28 -10.75 -9.87
CA GLY A 60 -7.64 -10.22 -9.75
C GLY A 60 -8.48 -10.29 -11.02
N SER A 61 -7.82 -10.22 -12.18
CA SER A 61 -8.52 -10.26 -13.45
C SER A 61 -8.92 -11.68 -13.87
N GLY A 62 -8.39 -12.69 -13.18
CA GLY A 62 -8.66 -14.09 -13.48
C GLY A 62 -7.72 -14.70 -14.52
N LEU A 63 -7.62 -16.02 -14.49
CA LEU A 63 -6.71 -16.77 -15.38
C LEU A 63 -7.07 -16.65 -16.85
N GLY A 64 -8.34 -16.34 -17.13
CA GLY A 64 -8.81 -16.18 -18.50
C GLY A 64 -8.53 -14.83 -19.13
N VAL A 65 -8.07 -13.87 -18.32
CA VAL A 65 -7.88 -12.49 -18.78
C VAL A 65 -6.42 -12.06 -18.61
N LYS A 66 -5.91 -12.20 -17.39
CA LYS A 66 -4.53 -11.85 -17.03
C LYS A 66 -4.20 -10.45 -17.53
N ASP A 67 -5.04 -9.48 -17.17
CA ASP A 67 -4.84 -8.10 -17.60
C ASP A 67 -4.85 -7.20 -16.37
N MET A 68 -3.74 -6.48 -16.18
CA MET A 68 -3.55 -5.68 -14.97
C MET A 68 -4.60 -4.58 -14.82
N VAL A 69 -4.91 -3.86 -15.90
CA VAL A 69 -5.89 -2.79 -15.80
C VAL A 69 -7.24 -3.36 -15.42
N THR A 70 -7.64 -4.44 -16.08
CA THR A 70 -8.93 -5.07 -15.80
C THR A 70 -9.07 -5.48 -14.33
N GLY A 71 -8.05 -6.14 -13.81
CA GLY A 71 -8.03 -6.61 -12.41
C GLY A 71 -8.07 -5.45 -11.43
N ALA A 72 -7.27 -4.42 -11.69
CA ALA A 72 -7.25 -3.25 -10.80
C ALA A 72 -8.59 -2.53 -10.80
N VAL A 73 -9.18 -2.35 -11.98
CA VAL A 73 -10.47 -1.68 -12.07
C VAL A 73 -11.54 -2.51 -11.40
N ALA A 74 -11.53 -3.82 -11.66
CA ALA A 74 -12.57 -4.70 -11.09
C ALA A 74 -12.50 -4.67 -9.56
N LEU A 75 -11.29 -4.79 -9.02
CA LEU A 75 -11.11 -4.79 -7.55
C LEU A 75 -11.39 -3.40 -6.97
N ALA A 76 -11.01 -2.35 -7.69
CA ALA A 76 -11.31 -0.99 -7.23
C ALA A 76 -12.82 -0.73 -7.19
N GLU A 77 -13.55 -1.21 -8.20
CA GLU A 77 -15.00 -1.03 -8.22
C GLU A 77 -15.65 -1.78 -7.06
N PHE A 78 -15.19 -3.00 -6.79
CA PHE A 78 -15.65 -3.77 -5.64
C PHE A 78 -15.38 -2.97 -4.36
N THR A 79 -14.16 -2.45 -4.22
CA THR A 79 -13.73 -1.76 -2.97
C THR A 79 -14.56 -0.50 -2.74
N HIS A 80 -14.92 0.19 -3.83
CA HIS A 80 -15.76 1.41 -3.73
C HIS A 80 -17.08 1.11 -3.07
N VAL A 81 -17.70 -0.02 -3.45
CA VAL A 81 -18.99 -0.41 -2.87
C VAL A 81 -18.84 -0.75 -1.38
N ILE A 82 -17.84 -1.57 -1.05
CA ILE A 82 -17.63 -1.99 0.33
C ILE A 82 -17.28 -0.83 1.25
N ALA A 83 -16.35 0.02 0.82
CA ALA A 83 -15.81 1.04 1.73
C ALA A 83 -16.86 2.06 2.12
N ALA A 84 -17.88 2.22 1.27
CA ALA A 84 -18.99 3.13 1.57
C ALA A 84 -19.76 2.72 2.84
N LYS A 85 -19.62 1.47 3.24
CA LYS A 85 -20.32 0.95 4.42
C LYS A 85 -19.49 1.00 5.72
N TYR A 86 -18.27 1.53 5.65
CA TYR A 86 -17.42 1.63 6.83
C TYR A 86 -17.16 3.09 7.23
N PRO A 87 -17.02 3.36 8.56
CA PRO A 87 -16.77 4.72 9.04
C PRO A 87 -15.28 5.06 9.20
N VAL A 88 -14.47 4.59 8.26
CA VAL A 88 -13.08 4.99 8.16
C VAL A 88 -12.81 5.28 6.70
N ASN A 89 -11.72 5.99 6.44
CA ASN A 89 -11.36 6.36 5.08
C ASN A 89 -10.38 5.34 4.53
N VAL A 90 -10.67 4.86 3.33
CA VAL A 90 -9.85 3.84 2.68
C VAL A 90 -9.36 4.41 1.34
N ALA A 91 -8.04 4.51 1.19
CA ALA A 91 -7.45 4.98 -0.07
C ALA A 91 -6.98 3.80 -0.89
N LEU A 92 -7.14 3.91 -2.22
CA LEU A 92 -6.75 2.87 -3.15
C LEU A 92 -5.47 3.28 -3.86
N HIS A 93 -4.52 2.35 -3.98
CA HIS A 93 -3.17 2.63 -4.47
C HIS A 93 -2.74 1.50 -5.36
N THR A 94 -1.94 1.79 -6.38
CA THR A 94 -1.28 0.70 -7.14
C THR A 94 0.21 0.66 -6.78
N ASP A 95 0.74 -0.54 -6.64
CA ASP A 95 2.11 -0.80 -6.16
C ASP A 95 3.07 -0.92 -7.36
N HIS A 96 4.38 -1.05 -7.08
CA HIS A 96 5.50 -1.11 -8.08
C HIS A 96 5.13 -1.30 -9.51
N CYS A 97 5.26 -0.24 -10.30
CA CYS A 97 5.10 -0.37 -11.74
C CYS A 97 6.39 0.10 -12.40
N PRO A 98 7.15 -0.84 -13.00
CA PRO A 98 8.38 -0.46 -13.71
C PRO A 98 8.11 0.12 -15.10
N LYS A 99 9.17 0.60 -15.72
CA LYS A 99 9.05 1.35 -16.97
C LYS A 99 8.27 0.60 -18.04
N ASP A 100 8.56 -0.68 -18.22
CA ASP A 100 7.95 -1.42 -19.33
C ASP A 100 6.50 -1.84 -19.06
N LYS A 101 5.98 -1.52 -17.87
CA LYS A 101 4.57 -1.76 -17.56
C LYS A 101 3.74 -0.48 -17.42
N LEU A 102 4.39 0.69 -17.52
CA LEU A 102 3.68 1.95 -17.39
C LEU A 102 2.55 2.07 -18.40
N ASP A 103 2.81 1.68 -19.65
CA ASP A 103 1.80 1.79 -20.69
C ASP A 103 0.64 0.78 -20.55
N SER A 104 0.81 -0.21 -19.68
CA SER A 104 -0.23 -1.23 -19.49
C SER A 104 -0.79 -1.30 -18.06
N TYR A 105 -0.41 -0.34 -17.22
CA TYR A 105 -0.94 -0.29 -15.86
C TYR A 105 -1.22 1.14 -15.43
N VAL A 106 -0.20 1.86 -14.97
CA VAL A 106 -0.38 3.22 -14.45
C VAL A 106 -0.98 4.22 -15.45
N ARG A 107 -0.45 4.27 -16.67
CA ARG A 107 -0.96 5.24 -17.64
C ARG A 107 -2.44 5.04 -18.00
N PRO A 108 -2.87 3.79 -18.32
CA PRO A 108 -4.30 3.63 -18.62
C PRO A 108 -5.16 3.92 -17.40
N LEU A 109 -4.68 3.60 -16.21
CA LEU A 109 -5.45 3.88 -15.01
C LEU A 109 -5.54 5.39 -14.77
N LEU A 110 -4.44 6.10 -15.00
CA LEU A 110 -4.47 7.57 -14.90
C LEU A 110 -5.50 8.14 -15.87
N ALA A 111 -5.55 7.57 -17.07
CA ALA A 111 -6.47 8.03 -18.10
C ALA A 111 -7.92 7.83 -17.68
N ILE A 112 -8.20 6.69 -17.04
CA ILE A 112 -9.55 6.41 -16.53
C ILE A 112 -9.95 7.47 -15.51
N SER A 113 -9.05 7.77 -14.58
CA SER A 113 -9.33 8.76 -13.55
C SER A 113 -9.44 10.19 -14.10
N ALA A 114 -8.62 10.52 -15.09
CA ALA A 114 -8.72 11.84 -15.75
C ALA A 114 -10.10 12.03 -16.38
N GLN A 115 -10.64 10.97 -16.96
CA GLN A 115 -11.99 10.99 -17.54
C GLN A 115 -13.05 11.25 -16.47
N ARG A 116 -12.93 10.54 -15.34
CA ARG A 116 -13.85 10.75 -14.22
C ARG A 116 -13.81 12.19 -13.70
N VAL A 117 -12.61 12.72 -13.54
CA VAL A 117 -12.38 14.07 -13.04
C VAL A 117 -12.94 15.11 -14.02
N SER A 118 -12.74 14.86 -15.32
CA SER A 118 -13.25 15.77 -16.36
C SER A 118 -14.77 15.91 -16.30
N LYS A 119 -15.45 14.86 -15.83
CA LYS A 119 -16.91 14.84 -15.70
C LYS A 119 -17.39 15.32 -14.33
N GLY A 120 -16.46 15.84 -13.52
CA GLY A 120 -16.77 16.36 -12.19
C GLY A 120 -16.73 15.33 -11.07
N GLY A 121 -16.13 14.18 -11.35
CA GLY A 121 -16.03 13.10 -10.37
C GLY A 121 -14.68 13.04 -9.71
N ASN A 122 -14.48 12.03 -8.86
CA ASN A 122 -13.19 11.80 -8.23
C ASN A 122 -12.47 10.63 -8.92
N PRO A 123 -11.14 10.56 -8.77
CA PRO A 123 -10.38 9.51 -9.46
C PRO A 123 -10.70 8.14 -8.87
N LEU A 124 -10.50 7.10 -9.66
CA LEU A 124 -10.78 5.73 -9.21
C LEU A 124 -9.78 5.29 -8.13
N PHE A 125 -8.50 5.58 -8.36
CA PHE A 125 -7.43 5.37 -7.38
C PHE A 125 -6.96 6.72 -6.86
N GLN A 126 -6.43 6.74 -5.64
CA GLN A 126 -6.02 8.00 -5.04
C GLN A 126 -4.51 8.17 -5.08
N SER A 127 -3.79 7.07 -5.31
CA SER A 127 -2.36 7.16 -5.60
C SER A 127 -1.90 6.03 -6.53
N HIS A 128 -0.82 6.28 -7.27
CA HIS A 128 -0.17 5.29 -8.15
C HIS A 128 1.30 5.30 -7.91
N MET A 129 1.94 4.13 -7.91
CA MET A 129 3.39 4.08 -7.82
C MET A 129 4.09 3.93 -9.16
N TRP A 130 5.04 4.83 -9.40
CA TRP A 130 6.01 4.69 -10.48
C TRP A 130 7.29 4.18 -9.84
N ASP A 131 7.69 2.96 -10.18
CA ASP A 131 8.92 2.40 -9.64
C ASP A 131 10.04 2.49 -10.67
N GLY A 132 10.84 3.54 -10.56
CA GLY A 132 11.95 3.78 -11.48
C GLY A 132 13.30 3.44 -10.89
N SER A 133 13.30 2.55 -9.90
CA SER A 133 14.53 2.22 -9.20
C SER A 133 15.52 1.40 -10.03
N ALA A 134 15.05 0.83 -11.14
CA ALA A 134 15.94 0.07 -12.03
C ALA A 134 16.59 0.93 -13.12
N VAL A 135 16.16 2.19 -13.25
CA VAL A 135 16.72 3.10 -14.24
C VAL A 135 17.56 4.20 -13.58
N PRO A 136 18.48 4.84 -14.34
CA PRO A 136 19.26 5.93 -13.78
C PRO A 136 18.38 7.05 -13.21
N ILE A 137 18.86 7.68 -12.13
CA ILE A 137 18.12 8.74 -11.42
CA ILE A 137 18.07 8.70 -11.44
C ILE A 137 17.53 9.82 -12.34
N ASP A 138 18.31 10.27 -13.33
CA ASP A 138 17.80 11.35 -14.18
C ASP A 138 16.62 10.91 -15.01
N GLU A 139 16.71 9.71 -15.59
CA GLU A 139 15.61 9.13 -16.36
C GLU A 139 14.40 8.90 -15.44
N ASN A 140 14.68 8.40 -14.25
CA ASN A 140 13.63 8.15 -13.24
C ASN A 140 12.83 9.43 -13.01
N LEU A 141 13.55 10.51 -12.74
CA LEU A 141 12.92 11.77 -12.40
C LEU A 141 12.28 12.51 -13.58
N ALA A 142 12.76 12.26 -14.79
CA ALA A 142 12.12 12.81 -15.97
C ALA A 142 10.73 12.19 -16.13
N ILE A 143 10.65 10.87 -15.98
CA ILE A 143 9.37 10.16 -16.05
C ILE A 143 8.48 10.61 -14.89
N ALA A 144 9.07 10.73 -13.71
CA ALA A 144 8.32 11.13 -12.51
C ALA A 144 7.72 12.52 -12.71
N GLN A 145 8.48 13.44 -13.31
CA GLN A 145 7.97 14.79 -13.48
C GLN A 145 6.72 14.84 -14.36
N GLU A 146 6.73 14.11 -15.48
CA GLU A 146 5.56 14.14 -16.35
C GLU A 146 4.38 13.36 -15.76
N LEU A 147 4.68 12.29 -15.03
CA LEU A 147 3.64 11.51 -14.35
C LEU A 147 3.01 12.30 -13.20
N LEU A 148 3.83 13.05 -12.48
CA LEU A 148 3.33 13.91 -11.40
C LEU A 148 2.35 14.96 -11.93
N LYS A 149 2.65 15.54 -13.09
CA LYS A 149 1.75 16.50 -13.70
C LYS A 149 0.42 15.86 -14.07
N ALA A 150 0.47 14.69 -14.70
CA ALA A 150 -0.74 13.94 -15.07
C ALA A 150 -1.51 13.54 -13.82
N ALA A 151 -0.78 13.04 -12.82
CA ALA A 151 -1.40 12.57 -11.57
C ALA A 151 -2.09 13.72 -10.83
N ALA A 152 -1.37 14.82 -10.65
CA ALA A 152 -1.96 15.97 -9.95
C ALA A 152 -3.20 16.50 -10.67
N ALA A 153 -3.19 16.50 -12.00
CA ALA A 153 -4.33 16.95 -12.79
C ALA A 153 -5.56 16.06 -12.62
N ALA A 154 -5.32 14.78 -12.28
CA ALA A 154 -6.39 13.81 -12.00
C ALA A 154 -6.67 13.67 -10.50
N LYS A 155 -6.10 14.57 -9.69
CA LYS A 155 -6.27 14.57 -8.23
C LYS A 155 -5.69 13.30 -7.56
N ILE A 156 -4.56 12.84 -8.09
CA ILE A 156 -3.90 11.60 -7.67
C ILE A 156 -2.50 11.89 -7.16
N ILE A 157 -2.11 11.23 -6.05
CA ILE A 157 -0.76 11.35 -5.49
C ILE A 157 0.15 10.31 -6.14
N LEU A 158 1.35 10.75 -6.53
CA LEU A 158 2.31 9.83 -7.12
C LEU A 158 3.29 9.32 -6.07
N GLU A 159 3.56 8.02 -6.08
CA GLU A 159 4.65 7.44 -5.30
C GLU A 159 5.77 7.12 -6.27
N ILE A 160 6.99 7.49 -5.91
CA ILE A 160 8.17 7.17 -6.71
C ILE A 160 9.19 6.44 -5.86
N GLU A 161 10.15 5.78 -6.50
CA GLU A 161 11.22 5.11 -5.76
CA GLU A 161 11.22 5.10 -5.76
C GLU A 161 12.59 5.44 -6.33
N ILE A 162 13.50 5.82 -5.45
CA ILE A 162 14.88 6.08 -5.85
C ILE A 162 15.78 5.04 -5.17
N GLY A 163 16.53 4.27 -5.95
CA GLY A 163 17.27 3.13 -5.40
C GLY A 163 16.46 1.85 -5.26
N VAL A 164 17.13 0.71 -5.10
CA VAL A 164 16.49 -0.60 -5.27
C VAL A 164 16.13 -1.35 -3.97
N VAL A 165 14.89 -1.80 -3.88
CA VAL A 165 14.46 -2.70 -2.80
C VAL A 165 14.83 -4.14 -3.17
N GLY A 166 15.51 -4.82 -2.24
CA GLY A 166 15.92 -6.21 -2.44
C GLY A 166 14.79 -7.21 -2.33
N GLY A 167 15.10 -8.49 -2.60
CA GLY A 167 14.12 -9.56 -2.53
C GLY A 167 13.16 -9.59 -3.70
N LEU A 180 25.01 -0.25 -1.35
CA LEU A 180 24.76 1.13 -1.76
C LEU A 180 23.41 1.64 -1.27
N TYR A 181 23.38 2.92 -0.89
CA TYR A 181 22.17 3.58 -0.42
C TYR A 181 21.90 4.83 -1.22
N THR A 182 20.68 5.36 -1.10
CA THR A 182 20.33 6.65 -1.67
C THR A 182 21.31 7.70 -1.16
N SER A 183 21.92 8.43 -2.10
CA SER A 183 22.90 9.46 -1.80
C SER A 183 22.22 10.80 -1.54
N PRO A 184 22.93 11.73 -0.87
CA PRO A 184 22.44 13.10 -0.75
C PRO A 184 22.11 13.75 -2.10
N GLU A 185 22.89 13.49 -3.15
CA GLU A 185 22.59 14.06 -4.47
C GLU A 185 21.28 13.51 -5.06
N ASP A 186 21.00 12.23 -4.80
CA ASP A 186 19.74 11.61 -5.22
C ASP A 186 18.55 12.32 -4.60
N PHE A 187 18.63 12.56 -3.29
CA PHE A 187 17.61 13.33 -2.57
C PHE A 187 17.54 14.76 -3.14
N GLU A 188 18.71 15.35 -3.42
CA GLU A 188 18.76 16.71 -3.96
C GLU A 188 18.07 16.82 -5.32
N LYS A 189 18.38 15.89 -6.21
CA LYS A 189 17.76 15.86 -7.53
C LYS A 189 16.25 15.73 -7.45
N THR A 190 15.78 14.93 -6.51
CA THR A 190 14.34 14.73 -6.33
C THR A 190 13.61 16.04 -5.98
N ILE A 191 14.14 16.79 -5.01
CA ILE A 191 13.58 18.11 -4.68
C ILE A 191 13.65 19.05 -5.86
N GLU A 192 14.79 19.07 -6.53
CA GLU A 192 14.96 19.97 -7.68
C GLU A 192 13.95 19.69 -8.80
N ALA A 193 13.72 18.42 -9.12
CA ALA A 193 12.86 18.06 -10.24
C ALA A 193 11.37 18.19 -9.92
N LEU A 194 11.01 17.94 -8.66
CA LEU A 194 9.60 17.73 -8.31
C LEU A 194 9.06 18.75 -7.31
N GLY A 195 9.97 19.47 -6.66
CA GLY A 195 9.59 20.41 -5.62
C GLY A 195 9.28 19.69 -4.32
N ALA A 196 8.48 20.34 -3.48
CA ALA A 196 8.18 19.78 -2.17
C ALA A 196 6.69 19.66 -1.94
N GLY A 197 5.93 19.43 -3.01
CA GLY A 197 4.49 19.28 -2.92
C GLY A 197 3.70 20.36 -3.64
N GLU A 198 4.32 21.51 -3.89
CA GLU A 198 3.62 22.62 -4.51
C GLU A 198 3.26 22.37 -5.98
N HIS A 199 3.89 21.36 -6.60
CA HIS A 199 3.59 20.97 -7.98
C HIS A 199 2.80 19.69 -8.02
N GLY A 200 2.22 19.35 -6.87
CA GLY A 200 1.54 18.06 -6.69
C GLY A 200 2.22 17.23 -5.63
N LYS A 201 1.41 16.62 -4.77
CA LYS A 201 1.93 15.78 -3.71
C LYS A 201 2.54 14.49 -4.27
N TYR A 202 3.69 14.11 -3.75
CA TYR A 202 4.26 12.80 -4.05
C TYR A 202 4.81 12.13 -2.79
N LEU A 203 4.91 10.81 -2.86
CA LEU A 203 5.48 10.02 -1.78
C LEU A 203 6.77 9.44 -2.29
N LEU A 204 7.75 9.33 -1.41
CA LEU A 204 9.09 8.91 -1.80
C LEU A 204 9.54 7.66 -1.09
N ALA A 205 9.78 6.61 -1.87
CA ALA A 205 10.44 5.42 -1.35
C ALA A 205 11.93 5.57 -1.64
N ALA A 206 12.71 5.79 -0.60
CA ALA A 206 14.17 5.83 -0.73
C ALA A 206 14.72 4.51 -0.25
N THR A 207 15.91 4.13 -0.71
CA THR A 207 16.46 2.86 -0.28
C THR A 207 17.52 2.97 0.80
N PHE A 208 17.22 2.35 1.93
CA PHE A 208 18.03 2.43 3.13
C PHE A 208 18.26 1.05 3.75
N GLY A 209 18.43 0.05 2.88
CA GLY A 209 18.69 -1.34 3.31
C GLY A 209 17.45 -2.16 3.61
N ASN A 210 16.38 -1.88 2.88
CA ASN A 210 15.07 -2.52 3.09
C ASN A 210 14.72 -3.55 2.02
N VAL A 211 14.08 -4.66 2.43
CA VAL A 211 13.90 -5.86 1.57
C VAL A 211 12.49 -6.48 1.66
N HIS A 212 11.97 -6.95 0.52
CA HIS A 212 10.70 -7.69 0.46
C HIS A 212 10.83 -9.10 1.00
N GLY A 213 9.89 -9.49 1.86
CA GLY A 213 9.83 -10.86 2.38
C GLY A 213 10.38 -11.01 3.79
N VAL A 214 9.80 -11.93 4.56
CA VAL A 214 10.24 -12.19 5.94
C VAL A 214 11.14 -13.43 6.01
N TYR A 215 12.35 -13.23 6.55
CA TYR A 215 13.38 -14.28 6.60
C TYR A 215 13.56 -14.84 8.00
N LYS A 221 20.17 -5.13 6.45
CA LYS A 221 20.85 -4.17 7.32
C LYS A 221 20.26 -2.76 7.17
N LEU A 222 19.14 -2.54 7.84
CA LEU A 222 18.42 -1.26 7.78
C LEU A 222 19.25 -0.10 8.31
N ARG A 223 19.25 0.99 7.55
CA ARG A 223 19.87 2.24 8.00
C ARG A 223 18.86 3.37 7.90
N PRO A 224 17.94 3.48 8.89
CA PRO A 224 16.94 4.55 8.89
C PRO A 224 17.56 5.95 8.83
N ASP A 225 18.80 6.09 9.31
CA ASP A 225 19.50 7.38 9.28
C ASP A 225 19.62 7.96 7.87
N ILE A 226 19.53 7.11 6.85
CA ILE A 226 19.51 7.56 5.46
C ILE A 226 18.30 8.48 5.22
N LEU A 227 17.17 8.15 5.87
CA LEU A 227 15.97 8.96 5.77
C LEU A 227 16.13 10.31 6.49
N ALA A 228 16.74 10.28 7.67
CA ALA A 228 17.04 11.51 8.40
C ALA A 228 17.95 12.40 7.56
N GLN A 229 18.96 11.80 6.94
CA GLN A 229 19.88 12.51 6.04
C GLN A 229 19.16 13.15 4.84
N GLY A 230 18.26 12.40 4.22
CA GLY A 230 17.44 12.93 3.12
C GLY A 230 16.61 14.14 3.51
N GLN A 231 16.01 14.11 4.69
CA GLN A 231 15.21 15.24 5.16
C GLN A 231 16.07 16.48 5.37
N GLN A 232 17.26 16.28 5.93
CA GLN A 232 18.18 17.40 6.20
C GLN A 232 18.70 18.00 4.90
N VAL A 233 19.07 17.13 3.96
CA VAL A 233 19.52 17.55 2.63
C VAL A 233 18.43 18.34 1.89
N ALA A 234 17.19 17.87 1.98
CA ALA A 234 16.06 18.56 1.37
C ALA A 234 15.78 19.90 2.06
N ALA A 235 15.81 19.90 3.39
CA ALA A 235 15.58 21.13 4.16
C ALA A 235 16.60 22.21 3.80
N ALA A 236 17.88 21.82 3.67
CA ALA A 236 18.95 22.76 3.30
C ALA A 236 18.73 23.33 1.90
N LYS A 237 18.35 22.46 0.96
CA LYS A 237 18.02 22.84 -0.41
C LYS A 237 16.89 23.87 -0.44
N LEU A 238 15.87 23.67 0.39
CA LEU A 238 14.67 24.48 0.41
C LEU A 238 14.77 25.73 1.29
N GLY A 239 15.86 25.86 2.03
CA GLY A 239 16.06 27.01 2.94
C GLY A 239 15.17 26.93 4.17
N LEU A 240 14.96 25.71 4.65
CA LEU A 240 14.10 25.43 5.80
C LEU A 240 14.93 25.15 7.05
N PRO A 241 14.32 25.22 8.25
CA PRO A 241 15.02 24.84 9.48
C PRO A 241 15.54 23.40 9.46
N ALA A 242 16.58 23.13 10.25
CA ALA A 242 17.28 21.84 10.24
C ALA A 242 16.40 20.63 10.58
N ASP A 243 15.35 20.85 11.35
CA ASP A 243 14.47 19.77 11.78
C ASP A 243 13.23 19.58 10.87
N ALA A 244 13.21 20.28 9.74
CA ALA A 244 12.10 20.16 8.78
C ALA A 244 12.13 18.81 8.08
N LYS A 245 10.95 18.33 7.69
CA LYS A 245 10.81 17.06 7.00
C LYS A 245 10.01 17.28 5.71
N PRO A 246 10.70 17.72 4.63
CA PRO A 246 10.00 18.02 3.38
C PRO A 246 9.45 16.79 2.67
N PHE A 247 10.05 15.62 2.88
CA PHE A 247 9.62 14.40 2.19
C PHE A 247 8.56 13.65 3.00
N ASP A 248 7.58 13.07 2.30
CA ASP A 248 6.70 12.05 2.86
C ASP A 248 7.26 10.70 2.40
N PHE A 249 7.82 9.91 3.31
CA PHE A 249 8.50 8.66 2.93
C PHE A 249 7.59 7.45 2.94
N VAL A 250 7.92 6.47 2.10
CA VAL A 250 7.26 5.15 2.09
C VAL A 250 8.27 4.09 2.46
N PHE A 251 7.88 3.19 3.37
CA PHE A 251 8.75 2.13 3.88
C PHE A 251 8.34 0.82 3.19
N HIS A 252 9.17 0.37 2.24
CA HIS A 252 8.96 -0.90 1.56
C HIS A 252 9.64 -2.02 2.29
N GLY A 253 8.97 -3.16 2.29
CA GLY A 253 9.37 -4.31 3.09
C GLY A 253 9.04 -4.10 4.56
N GLY A 254 7.78 -3.79 4.84
CA GLY A 254 7.34 -3.52 6.21
C GLY A 254 7.23 -4.76 7.09
N SER A 255 6.66 -5.82 6.52
CA SER A 255 6.51 -7.10 7.22
C SER A 255 7.83 -7.58 7.83
N GLY A 256 7.78 -7.99 9.10
CA GLY A 256 8.94 -8.57 9.80
C GLY A 256 9.96 -7.60 10.37
N SER A 257 9.60 -6.32 10.46
CA SER A 257 10.52 -5.29 10.93
C SER A 257 10.52 -5.16 12.47
N LEU A 258 11.67 -4.79 13.03
CA LEU A 258 11.80 -4.52 14.47
C LEU A 258 11.04 -3.26 14.88
N LYS A 259 10.60 -3.24 16.13
CA LYS A 259 9.88 -2.09 16.69
C LYS A 259 10.74 -0.82 16.70
N SER A 260 11.98 -0.95 17.15
N SER A 260 11.98 -0.95 17.16
CA SER A 260 12.92 0.18 17.23
CA SER A 260 12.91 0.18 17.22
C SER A 260 13.22 0.79 15.86
C SER A 260 13.22 0.79 15.86
N GLU A 261 13.24 -0.06 14.83
CA GLU A 261 13.48 0.38 13.45
C GLU A 261 12.27 1.10 12.87
N ILE A 262 11.08 0.61 13.19
CA ILE A 262 9.82 1.25 12.77
C ILE A 262 9.70 2.61 13.44
N GLU A 263 9.96 2.65 14.74
CA GLU A 263 9.87 3.90 15.49
C GLU A 263 10.77 4.98 14.90
N GLU A 264 12.01 4.61 14.59
CA GLU A 264 12.97 5.54 14.00
C GLU A 264 12.48 6.04 12.63
N ALA A 265 11.99 5.12 11.81
CA ALA A 265 11.47 5.44 10.48
C ALA A 265 10.34 6.46 10.56
N LEU A 266 9.44 6.27 11.53
CA LEU A 266 8.32 7.17 11.74
C LEU A 266 8.81 8.57 12.09
N ARG A 267 9.80 8.65 12.99
CA ARG A 267 10.39 9.94 13.37
C ARG A 267 10.97 10.71 12.20
N TYR A 268 11.45 10.01 11.18
CA TYR A 268 12.07 10.65 10.02
C TYR A 268 11.11 10.93 8.85
N GLY A 269 9.81 10.69 9.05
CA GLY A 269 8.80 11.08 8.07
C GLY A 269 8.19 9.98 7.20
N VAL A 270 8.35 8.72 7.60
CA VAL A 270 7.62 7.63 6.94
C VAL A 270 6.13 7.80 7.27
N VAL A 271 5.31 7.88 6.22
CA VAL A 271 3.85 8.05 6.38
C VAL A 271 3.07 6.84 5.88
N LYS A 272 3.76 5.93 5.21
CA LYS A 272 3.12 4.77 4.59
C LYS A 272 4.09 3.59 4.72
N MET A 273 3.60 2.48 5.28
CA MET A 273 4.44 1.28 5.36
C MET A 273 3.72 0.13 4.67
N ASN A 274 4.38 -0.43 3.66
CA ASN A 274 3.81 -1.50 2.88
C ASN A 274 3.83 -2.82 3.65
N VAL A 275 2.70 -3.52 3.68
N VAL A 275 2.69 -3.51 3.62
CA VAL A 275 2.66 -4.84 4.33
CA VAL A 275 2.47 -4.78 4.34
C VAL A 275 1.93 -5.84 3.45
C VAL A 275 1.94 -5.80 3.32
N ASP A 276 2.60 -6.95 3.20
CA ASP A 276 2.12 -7.98 2.30
C ASP A 276 2.41 -9.34 2.89
N THR A 277 3.69 -9.66 3.10
CA THR A 277 4.09 -10.98 3.59
CA THR A 277 4.03 -11.01 3.55
C THR A 277 3.35 -11.37 4.86
N ASP A 278 3.31 -10.44 5.82
CA ASP A 278 2.71 -10.72 7.12
C ASP A 278 1.20 -10.94 7.06
N THR A 279 0.52 -10.21 6.20
CA THR A 279 -0.93 -10.41 6.03
C THR A 279 -1.22 -11.66 5.20
N GLN A 280 -0.33 -12.01 4.26
CA GLN A 280 -0.46 -13.28 3.54
C GLN A 280 -0.40 -14.46 4.53
N TYR A 281 0.58 -14.44 5.43
CA TYR A 281 0.69 -15.54 6.40
C TYR A 281 -0.57 -15.62 7.26
N ALA A 282 -1.02 -14.46 7.73
CA ALA A 282 -2.23 -14.38 8.56
C ALA A 282 -3.46 -14.90 7.83
N PHE A 283 -3.58 -14.62 6.54
CA PHE A 283 -4.73 -15.08 5.76
C PHE A 283 -4.67 -16.61 5.58
N THR A 284 -3.50 -17.13 5.22
CA THR A 284 -3.36 -18.54 4.91
C THR A 284 -3.42 -19.45 6.14
N ARG A 285 -2.95 -18.96 7.29
CA ARG A 285 -2.74 -19.83 8.45
C ARG A 285 -3.98 -20.60 8.91
N PRO A 286 -5.15 -19.92 9.03
CA PRO A 286 -6.33 -20.70 9.41
C PRO A 286 -6.92 -21.58 8.33
N ILE A 287 -6.61 -21.28 7.07
CA ILE A 287 -7.01 -22.15 5.97
C ILE A 287 -6.24 -23.46 6.09
N ALA A 288 -4.92 -23.39 6.30
CA ALA A 288 -4.16 -24.61 6.52
C ALA A 288 -4.76 -25.41 7.68
N GLY A 289 -5.01 -24.73 8.80
CA GLY A 289 -5.54 -25.39 10.00
C GLY A 289 -6.86 -26.08 9.70
N HIS A 290 -7.71 -25.39 8.95
CA HIS A 290 -8.99 -25.92 8.52
C HIS A 290 -8.87 -27.21 7.74
N MET A 291 -7.97 -27.22 6.74
CA MET A 291 -7.80 -28.38 5.88
C MET A 291 -7.33 -29.60 6.70
N PHE A 292 -6.36 -29.38 7.58
CA PHE A 292 -5.84 -30.46 8.39
CA PHE A 292 -5.82 -30.45 8.43
C PHE A 292 -6.90 -31.03 9.35
N THR A 293 -7.55 -30.18 10.14
N THR A 293 -7.53 -30.14 10.13
CA THR A 293 -8.50 -30.70 11.12
CA THR A 293 -8.55 -30.53 11.11
C THR A 293 -9.80 -31.24 10.50
C THR A 293 -9.70 -31.28 10.46
N ASN A 294 -10.12 -30.78 9.30
CA ASN A 294 -11.25 -31.32 8.55
C ASN A 294 -10.84 -32.18 7.35
N TYR A 295 -9.69 -32.86 7.46
CA TYR A 295 -9.13 -33.58 6.31
C TYR A 295 -10.13 -34.54 5.67
N ASP A 296 -10.97 -35.20 6.47
CA ASP A 296 -11.87 -36.22 5.95
C ASP A 296 -13.23 -35.62 5.56
N GLY A 297 -13.32 -34.30 5.63
CA GLY A 297 -14.50 -33.56 5.17
C GLY A 297 -14.17 -32.80 3.89
N VAL A 298 -12.97 -32.24 3.82
CA VAL A 298 -12.53 -31.53 2.60
C VAL A 298 -12.01 -32.47 1.52
N LEU A 299 -11.74 -33.71 1.90
CA LEU A 299 -11.40 -34.75 0.91
C LEU A 299 -12.44 -35.85 0.97
N LYS A 300 -12.74 -36.43 -0.19
CA LYS A 300 -13.59 -37.62 -0.25
C LYS A 300 -12.69 -38.82 0.02
N VAL A 301 -12.77 -39.37 1.23
N VAL A 301 -12.82 -39.40 1.21
CA VAL A 301 -11.86 -40.43 1.65
CA VAL A 301 -11.90 -40.42 1.73
C VAL A 301 -12.59 -41.76 1.82
C VAL A 301 -12.58 -41.77 1.92
N ASP A 302 -11.92 -42.84 1.45
CA ASP A 302 -12.38 -44.23 1.71
C ASP A 302 -13.80 -44.49 1.20
N GLY A 303 -14.12 -43.89 0.06
CA GLY A 303 -15.43 -44.07 -0.56
C GLY A 303 -16.53 -43.17 -0.03
N GLU A 304 -16.20 -42.33 0.94
CA GLU A 304 -17.15 -41.36 1.49
C GLU A 304 -17.23 -40.12 0.59
N VAL A 305 -18.19 -39.23 0.86
N VAL A 305 -18.17 -39.24 0.89
CA VAL A 305 -18.43 -38.12 -0.05
CA VAL A 305 -18.50 -38.13 0.00
C VAL A 305 -18.04 -36.76 0.52
C VAL A 305 -18.03 -36.77 0.52
N GLY A 306 -17.26 -36.76 1.60
CA GLY A 306 -16.82 -35.51 2.23
C GLY A 306 -17.96 -34.85 2.99
N VAL A 307 -17.73 -33.62 3.44
CA VAL A 307 -18.68 -32.90 4.28
C VAL A 307 -18.81 -31.48 3.71
N LYS A 308 -19.96 -31.23 3.07
CA LYS A 308 -20.21 -29.95 2.39
C LYS A 308 -19.99 -28.73 3.29
N LYS A 309 -20.36 -28.84 4.57
CA LYS A 309 -20.22 -27.68 5.46
C LYS A 309 -18.77 -27.24 5.66
N VAL A 310 -17.81 -28.14 5.43
CA VAL A 310 -16.41 -27.74 5.57
C VAL A 310 -15.68 -27.60 4.25
N TYR A 311 -16.22 -28.14 3.16
CA TYR A 311 -15.62 -27.80 1.86
C TYR A 311 -16.24 -26.58 1.16
N ASP A 312 -17.33 -26.06 1.73
CA ASP A 312 -17.87 -24.76 1.35
C ASP A 312 -16.76 -23.70 1.60
N PRO A 313 -16.31 -23.03 0.53
CA PRO A 313 -15.20 -22.09 0.67
C PRO A 313 -15.42 -21.04 1.76
N ARG A 314 -16.66 -20.62 1.96
CA ARG A 314 -16.93 -19.64 3.00
C ARG A 314 -16.45 -20.09 4.37
N SER A 315 -16.48 -21.40 4.63
CA SER A 315 -16.20 -21.90 5.99
C SER A 315 -14.77 -21.55 6.43
N TYR A 316 -13.81 -21.75 5.53
CA TYR A 316 -12.42 -21.42 5.86
C TYR A 316 -12.05 -20.01 5.44
N LEU A 317 -12.68 -19.47 4.40
CA LEU A 317 -12.35 -18.08 3.99
C LEU A 317 -12.80 -17.03 5.01
N LYS A 318 -13.87 -17.31 5.75
CA LYS A 318 -14.26 -16.40 6.86
C LYS A 318 -13.20 -16.41 7.97
N LYS A 319 -12.58 -17.57 8.21
CA LYS A 319 -11.52 -17.66 9.22
C LYS A 319 -10.28 -16.91 8.72
N ALA A 320 -9.97 -17.09 7.44
CA ALA A 320 -8.85 -16.36 6.81
C ALA A 320 -9.02 -14.85 6.89
N GLU A 321 -10.24 -14.38 6.61
N GLU A 321 -10.23 -14.37 6.60
CA GLU A 321 -10.58 -12.96 6.66
CA GLU A 321 -10.51 -12.94 6.66
C GLU A 321 -10.37 -12.40 8.06
C GLU A 321 -10.29 -12.43 8.08
N ALA A 322 -10.91 -13.12 9.05
CA ALA A 322 -10.82 -12.66 10.43
C ALA A 322 -9.36 -12.58 10.92
N SER A 323 -8.54 -13.55 10.50
CA SER A 323 -7.15 -13.62 10.91
C SER A 323 -6.35 -12.51 10.25
N MET A 324 -6.59 -12.29 8.96
CA MET A 324 -5.92 -11.19 8.27
C MET A 324 -6.31 -9.83 8.89
N SER A 325 -7.58 -9.67 9.23
CA SER A 325 -8.02 -8.43 9.85
C SER A 325 -7.28 -8.18 11.17
N GLN A 326 -7.11 -9.23 11.97
CA GLN A 326 -6.36 -9.11 13.24
C GLN A 326 -4.94 -8.62 13.01
N ARG A 327 -4.29 -9.13 11.96
CA ARG A 327 -2.92 -8.71 11.64
C ARG A 327 -2.87 -7.25 11.18
N VAL A 328 -3.89 -6.81 10.43
CA VAL A 328 -3.99 -5.41 10.03
C VAL A 328 -4.19 -4.51 11.26
N VAL A 329 -5.01 -4.95 12.22
CA VAL A 329 -5.14 -4.19 13.48
C VAL A 329 -3.78 -4.01 14.18
N GLN A 330 -3.03 -5.11 14.29
CA GLN A 330 -1.66 -5.05 14.80
C GLN A 330 -0.79 -4.02 14.06
N ALA A 331 -0.86 -4.00 12.73
CA ALA A 331 -0.11 -3.00 11.95
C ALA A 331 -0.52 -1.58 12.31
N CYS A 332 -1.81 -1.35 12.50
CA CYS A 332 -2.28 0.00 12.86
C CYS A 332 -1.75 0.42 14.23
N ASN A 333 -1.68 -0.51 15.17
N ASN A 333 -1.72 -0.51 15.17
CA ASN A 333 -1.11 -0.22 16.49
CA ASN A 333 -1.11 -0.27 16.48
C ASN A 333 0.41 -0.03 16.47
C ASN A 333 0.37 0.06 16.33
N ASP A 334 1.09 -0.82 15.64
CA ASP A 334 2.55 -0.67 15.44
C ASP A 334 2.96 0.64 14.79
N LEU A 335 2.11 1.13 13.88
CA LEU A 335 2.41 2.36 13.13
C LEU A 335 1.76 3.59 13.76
N HIS A 336 0.99 3.37 14.83
CA HIS A 336 0.36 4.43 15.61
C HIS A 336 -0.71 5.22 14.92
N CYS A 337 -1.37 4.60 13.93
CA CYS A 337 -2.51 5.26 13.29
C CYS A 337 -3.82 4.75 13.87
N ALA A 338 -3.73 3.74 14.73
CA ALA A 338 -4.92 3.18 15.39
C ALA A 338 -5.57 4.27 16.23
N GLY A 339 -6.90 4.34 16.16
CA GLY A 339 -7.68 5.35 16.89
C GLY A 339 -7.60 6.77 16.34
N LYS A 340 -7.03 6.94 15.16
CA LYS A 340 -6.80 8.29 14.61
C LYS A 340 -7.53 8.57 13.29
N SER A 341 -8.51 7.75 12.93
CA SER A 341 -9.25 7.97 11.68
C SER A 341 -9.79 9.39 11.63
N LEU A 342 -9.67 10.03 10.48
CA LEU A 342 -10.13 11.41 10.31
C LEU A 342 -11.65 11.57 10.35
N THR A 343 -12.38 10.47 10.46
CA THR A 343 -13.84 10.53 10.64
C THR A 343 -14.21 10.72 12.11
N HIS A 344 -13.25 10.49 13.01
CA HIS A 344 -13.44 10.66 14.47
C HIS A 344 -14.64 9.95 15.05
N HIS A 345 -14.88 8.71 14.61
CA HIS A 345 -15.80 7.80 15.28
C HIS A 345 -15.13 7.23 16.49
N HIS A 346 -15.61 7.60 17.67
CA HIS A 346 -15.02 7.13 18.92
C HIS A 346 -16.08 6.52 19.78
#